data_7WZE
#
_entry.id   7WZE
#
_cell.length_a   46.178
_cell.length_b   76.545
_cell.length_c   88.863
_cell.angle_alpha   90.000
_cell.angle_beta   90.000
_cell.angle_gamma   90.000
#
_symmetry.space_group_name_H-M   'P 21 21 21'
#
loop_
_entity.id
_entity.type
_entity.pdbx_description
1 polymer 'Uncharacterized HTH-type transcriptional regulator YetL'
2 water water
#
_entity_poly.entity_id   1
_entity_poly.type   'polypeptide(L)'
_entity_poly.pdbx_seq_one_letter_code
;(MSE)ELKHLPKYKHITEHAETYANIDAGSLELFLSLFDISKK(MSE)NHV(MSE)EHYFAGRGLSEGKFKIL(MSE)LL
FDAKDHRLSPTELAKRSNVTKATITGLLDGLARDGFVSRRHHTEDKRKISIELTTEGKARLEQFLPGHFSKISAV(MSE)
ENYSDEEKD(MSE)FVK(MSE)LGDLFERLSVFKD
;
_entity_poly.pdbx_strand_id   Y,A
#
# COMPACT_ATOMS: atom_id res chain seq x y z
N GLU A 2 5.52 -10.68 3.56
CA GLU A 2 4.67 -11.85 3.33
C GLU A 2 5.12 -12.66 2.10
N LEU A 3 5.38 -11.97 1.00
CA LEU A 3 5.90 -12.56 -0.22
C LEU A 3 7.40 -12.33 -0.32
N LYS A 4 8.04 -13.06 -1.24
CA LYS A 4 9.48 -12.96 -1.40
C LYS A 4 9.88 -11.92 -2.45
N HIS A 5 9.29 -12.01 -3.65
CA HIS A 5 9.60 -11.11 -4.76
C HIS A 5 8.32 -10.60 -5.38
N LEU A 6 8.41 -9.44 -6.02
CA LEU A 6 7.25 -8.84 -6.66
C LEU A 6 6.80 -9.77 -7.77
N PRO A 7 5.52 -10.14 -7.84
CA PRO A 7 5.08 -11.06 -8.88
C PRO A 7 5.10 -10.39 -10.23
N LYS A 8 5.64 -11.08 -11.21
CA LYS A 8 5.67 -10.56 -12.58
C LYS A 8 4.36 -10.88 -13.27
N TYR A 9 3.85 -9.91 -14.03
CA TYR A 9 2.51 -10.03 -14.59
C TYR A 9 2.44 -9.95 -16.11
N LYS A 10 3.57 -9.89 -16.82
CA LYS A 10 3.49 -9.59 -18.26
C LYS A 10 2.64 -10.63 -19.01
N HIS A 11 2.70 -11.89 -18.59
CA HIS A 11 1.92 -12.94 -19.24
C HIS A 11 0.42 -12.74 -19.01
N ILE A 12 0.02 -12.56 -17.75
CA ILE A 12 -1.40 -12.35 -17.48
C ILE A 12 -1.86 -11.07 -18.17
N THR A 13 -0.99 -10.08 -18.17
CA THR A 13 -1.26 -8.77 -18.72
C THR A 13 -1.44 -8.79 -20.23
N GLU A 14 -0.46 -9.34 -20.95
CA GLU A 14 -0.55 -9.33 -22.41
C GLU A 14 -1.78 -10.08 -22.88
N HIS A 15 -2.32 -10.96 -22.03
CA HIS A 15 -3.56 -11.65 -22.29
C HIS A 15 -4.75 -10.74 -22.06
N ALA A 16 -4.61 -9.75 -21.16
CA ALA A 16 -5.72 -8.85 -20.90
C ALA A 16 -5.96 -7.87 -22.05
N GLU A 17 -4.96 -7.60 -22.91
CA GLU A 17 -5.26 -6.88 -24.14
C GLU A 17 -6.25 -7.65 -24.99
N THR A 18 -6.28 -8.96 -24.84
CA THR A 18 -7.32 -9.77 -25.46
C THR A 18 -8.65 -9.63 -24.72
N TYR A 19 -8.61 -9.37 -23.41
CA TYR A 19 -9.84 -9.18 -22.66
C TYR A 19 -10.58 -7.94 -23.14
N ALA A 20 -9.99 -6.78 -22.95
CA ALA A 20 -10.72 -5.52 -23.06
C ALA A 20 -9.79 -4.42 -23.58
N ASN A 21 -10.18 -3.17 -23.33
CA ASN A 21 -9.49 -1.97 -23.80
C ASN A 21 -8.51 -1.50 -22.73
N ILE A 22 -7.55 -2.37 -22.42
CA ILE A 22 -6.59 -2.16 -21.35
C ILE A 22 -5.19 -2.42 -21.90
N ASP A 23 -4.24 -1.54 -21.56
CA ASP A 23 -2.89 -1.64 -22.08
C ASP A 23 -2.05 -2.54 -21.20
N ALA A 24 -0.97 -3.03 -21.79
CA ALA A 24 -0.13 -4.00 -21.08
C ALA A 24 0.56 -3.34 -19.89
N GLY A 25 1.40 -2.34 -20.16
CA GLY A 25 2.12 -1.68 -19.07
C GLY A 25 1.20 -1.14 -18.01
N SER A 26 0.07 -0.52 -18.43
CA SER A 26 -0.86 0.07 -17.47
C SER A 26 -1.42 -0.96 -16.51
N LEU A 27 -1.79 -2.13 -17.02
CA LEU A 27 -2.29 -3.17 -16.13
C LEU A 27 -1.17 -3.75 -15.26
N GLU A 28 -0.02 -4.04 -15.88
CA GLU A 28 1.09 -4.60 -15.11
C GLU A 28 1.54 -3.63 -14.03
N LEU A 29 1.60 -2.35 -14.36
CA LEU A 29 2.04 -1.36 -13.39
C LEU A 29 1.07 -1.27 -12.24
N PHE A 30 -0.22 -1.32 -12.54
CA PHE A 30 -1.22 -1.18 -11.51
C PHE A 30 -1.20 -2.37 -10.57
N LEU A 31 -1.03 -3.58 -11.12
CA LEU A 31 -0.97 -4.76 -10.28
C LEU A 31 0.30 -4.78 -9.45
N SER A 32 1.41 -4.36 -10.06
CA SER A 32 2.65 -4.24 -9.30
C SER A 32 2.48 -3.23 -8.19
N LEU A 33 1.86 -2.10 -8.48
CA LEU A 33 1.69 -1.11 -7.43
C LEU A 33 0.80 -1.63 -6.32
N PHE A 34 -0.14 -2.50 -6.66
CA PHE A 34 -1.01 -3.01 -5.62
C PHE A 34 -0.30 -4.07 -4.78
N ASP A 35 0.53 -4.91 -5.40
CA ASP A 35 1.27 -5.87 -4.60
C ASP A 35 2.23 -5.16 -3.67
N ILE A 36 3.02 -4.23 -4.18
CA ILE A 36 3.95 -3.51 -3.33
C ILE A 36 3.19 -2.83 -2.20
N SER A 37 1.99 -2.33 -2.51
CA SER A 37 1.22 -1.63 -1.49
C SER A 37 0.84 -2.53 -0.34
N LYS A 38 0.35 -3.73 -0.65
CA LYS A 38 -0.05 -4.66 0.40
C LYS A 38 1.15 -5.07 1.24
N LYS A 39 2.30 -5.22 0.59
CA LYS A 39 3.50 -5.60 1.30
C LYS A 39 3.93 -4.51 2.28
N ASN A 41 2.39 -1.87 3.62
CA ASN A 41 1.48 -1.74 4.75
C ASN A 41 1.75 -2.86 5.77
N HIS A 42 2.03 -4.05 5.29
CA HIS A 42 2.27 -5.18 6.18
C HIS A 42 3.59 -5.03 6.91
N VAL A 43 4.69 -4.87 6.18
CA VAL A 43 5.99 -4.79 6.81
C VAL A 43 6.06 -3.61 7.78
N GLU A 45 3.74 -2.03 9.39
CA GLU A 45 2.89 -2.17 10.56
C GLU A 45 3.60 -2.93 11.66
N HIS A 46 4.34 -3.99 11.30
CA HIS A 46 4.99 -4.78 12.33
C HIS A 46 6.30 -4.14 12.79
N TYR A 47 7.04 -3.55 11.85
CA TYR A 47 8.26 -2.82 12.17
C TYR A 47 8.05 -1.81 13.28
N PHE A 48 7.13 -0.85 13.09
CA PHE A 48 6.82 0.10 14.16
C PHE A 48 6.20 -0.57 15.37
N ALA A 49 5.51 -1.71 15.19
CA ALA A 49 5.03 -2.45 16.35
C ALA A 49 6.19 -2.89 17.22
N GLY A 50 7.30 -3.31 16.60
CA GLY A 50 8.50 -3.65 17.33
C GLY A 50 9.04 -2.53 18.19
N ARG A 51 8.62 -1.28 17.95
CA ARG A 51 9.08 -0.15 18.75
C ARG A 51 7.94 0.57 19.47
N GLY A 52 6.77 -0.03 19.54
CA GLY A 52 5.65 0.60 20.22
C GLY A 52 5.07 1.80 19.53
N LEU A 53 5.10 1.86 18.20
CA LEU A 53 4.70 3.06 17.47
C LEU A 53 3.79 2.67 16.30
N SER A 54 3.47 3.67 15.49
CA SER A 54 2.75 3.49 14.25
C SER A 54 3.35 4.45 13.24
N GLU A 55 2.92 4.37 11.99
CA GLU A 55 3.31 5.43 11.05
C GLU A 55 2.83 6.79 11.54
N GLY A 56 1.59 6.84 12.02
CA GLY A 56 1.03 8.13 12.43
C GLY A 56 1.72 8.69 13.64
N LYS A 57 1.84 7.89 14.70
CA LYS A 57 2.52 8.33 15.90
C LYS A 57 3.99 8.67 15.62
N PHE A 58 4.64 7.89 14.75
CA PHE A 58 6.03 8.17 14.45
C PHE A 58 6.20 9.50 13.72
N LYS A 59 5.26 9.86 12.85
CA LYS A 59 5.36 11.12 12.12
C LYS A 59 5.20 12.31 13.03
N ILE A 60 4.39 12.19 14.08
CA ILE A 60 4.30 13.27 15.07
C ILE A 60 5.63 13.43 15.80
N LEU A 61 6.17 12.32 16.33
CA LEU A 61 7.45 12.39 17.06
C LEU A 61 8.51 13.06 16.22
N LEU A 63 7.89 15.43 13.84
CA LEU A 63 7.58 16.85 13.91
C LEU A 63 8.09 17.44 15.21
N LEU A 64 7.82 16.78 16.32
CA LEU A 64 8.24 17.29 17.61
C LEU A 64 9.75 17.37 17.70
N PHE A 65 10.42 16.29 17.30
CA PHE A 65 11.87 16.23 17.38
C PHE A 65 12.56 17.33 16.58
N ASP A 66 11.91 17.88 15.57
CA ASP A 66 12.56 18.89 14.74
C ASP A 66 12.22 20.30 15.17
N ALA A 67 11.14 20.46 15.93
CA ALA A 67 10.70 21.78 16.34
C ALA A 67 11.64 22.38 17.38
N LYS A 68 11.72 23.72 17.40
CA LYS A 68 12.47 24.40 18.44
C LYS A 68 11.88 24.08 19.81
N ASP A 69 12.76 23.75 20.75
CA ASP A 69 12.39 23.36 22.10
C ASP A 69 11.52 22.09 22.14
N HIS A 70 11.44 21.35 21.03
CA HIS A 70 10.66 20.11 20.93
C HIS A 70 9.21 20.32 21.35
N ARG A 71 8.66 21.50 21.06
CA ARG A 71 7.31 21.85 21.46
C ARG A 71 6.54 22.35 20.25
N LEU A 72 5.33 21.83 20.05
CA LEU A 72 4.49 22.26 18.94
C LEU A 72 3.04 22.17 19.37
N SER A 73 2.24 23.13 18.90
CA SER A 73 0.83 23.08 19.15
C SER A 73 0.20 21.93 18.40
N PRO A 74 -0.87 21.34 18.94
CA PRO A 74 -1.54 20.26 18.21
C PRO A 74 -2.04 20.70 16.84
N THR A 75 -2.55 21.93 16.72
CA THR A 75 -2.99 22.40 15.42
C THR A 75 -1.84 22.45 14.42
N GLU A 76 -0.65 22.87 14.86
CA GLU A 76 0.52 22.85 13.97
C GLU A 76 0.87 21.43 13.58
N LEU A 77 0.69 20.49 14.51
CA LEU A 77 0.96 19.08 14.22
C LEU A 77 0.00 18.54 13.17
N ALA A 78 -1.27 18.96 13.23
CA ALA A 78 -2.23 18.54 12.22
C ALA A 78 -1.82 19.04 10.84
N LYS A 79 -1.52 20.35 10.74
CA LYS A 79 -1.11 20.92 9.47
C LYS A 79 0.15 20.24 8.92
N ARG A 80 1.15 20.05 9.77
CA ARG A 80 2.44 19.57 9.30
C ARG A 80 2.50 18.07 9.05
N SER A 81 1.57 17.27 9.60
CA SER A 81 1.57 15.83 9.39
C SER A 81 0.61 15.36 8.32
N ASN A 82 -0.14 16.28 7.70
CA ASN A 82 -1.12 15.94 6.68
C ASN A 82 -2.25 15.09 7.23
N VAL A 83 -2.62 15.32 8.48
CA VAL A 83 -3.70 14.58 9.10
C VAL A 83 -4.70 15.57 9.71
N THR A 84 -5.93 15.12 9.88
CA THR A 84 -6.93 16.04 10.42
C THR A 84 -6.83 16.14 11.93
N LYS A 85 -7.39 17.22 12.46
CA LYS A 85 -7.33 17.48 13.90
C LYS A 85 -8.03 16.37 14.67
N ALA A 86 -9.16 15.88 14.14
CA ALA A 86 -9.82 14.78 14.82
C ALA A 86 -8.90 13.59 14.90
N THR A 87 -8.04 13.41 13.91
CA THR A 87 -7.15 12.26 13.93
C THR A 87 -6.03 12.48 14.91
N ILE A 88 -5.37 13.63 14.80
CA ILE A 88 -4.19 13.91 15.60
C ILE A 88 -4.54 13.90 17.09
N THR A 89 -5.77 14.29 17.44
CA THR A 89 -6.20 14.19 18.83
C THR A 89 -6.14 12.76 19.32
N GLY A 90 -6.50 11.80 18.46
CA GLY A 90 -6.46 10.40 18.85
C GLY A 90 -5.03 9.91 18.98
N LEU A 91 -4.19 10.25 18.01
CA LEU A 91 -2.78 9.89 18.10
C LEU A 91 -2.17 10.50 19.35
N LEU A 92 -2.34 11.81 19.53
CA LEU A 92 -1.79 12.51 20.69
C LEU A 92 -2.17 11.81 21.98
N ASP A 93 -3.42 11.39 22.10
CA ASP A 93 -3.86 10.72 23.30
C ASP A 93 -3.01 9.48 23.57
N GLY A 94 -2.79 8.67 22.53
CA GLY A 94 -1.99 7.47 22.69
C GLY A 94 -0.57 7.79 23.11
N LEU A 95 0.08 8.67 22.34
CA LEU A 95 1.43 9.05 22.69
C LEU A 95 1.52 9.55 24.12
N ALA A 96 0.53 10.34 24.54
CA ALA A 96 0.50 10.81 25.93
C ALA A 96 0.55 9.63 26.89
N ARG A 97 -0.36 8.66 26.70
CA ARG A 97 -0.41 7.52 27.60
C ARG A 97 0.86 6.66 27.51
N ASP A 98 1.36 6.45 26.30
CA ASP A 98 2.58 5.69 26.09
C ASP A 98 3.81 6.34 26.74
N GLY A 99 3.72 7.60 27.14
CA GLY A 99 4.85 8.31 27.70
C GLY A 99 5.78 8.98 26.72
N PHE A 100 5.42 9.06 25.45
CA PHE A 100 6.30 9.73 24.51
C PHE A 100 6.14 11.23 24.56
N VAL A 101 4.95 11.72 24.93
CA VAL A 101 4.63 13.14 24.84
C VAL A 101 3.85 13.58 26.08
N SER A 102 3.90 14.88 26.33
CA SER A 102 3.19 15.51 27.45
C SER A 102 2.47 16.77 26.97
N ARG A 103 1.29 17.01 27.52
CA ARG A 103 0.50 18.19 27.17
C ARG A 103 0.67 19.25 28.27
N ARG A 104 1.24 20.40 27.91
CA ARG A 104 1.50 21.47 28.88
C ARG A 104 0.90 22.78 28.40
N HIS A 105 0.49 23.61 29.36
CA HIS A 105 0.03 24.97 29.06
C HIS A 105 1.16 26.00 29.20
N LYS A 112 -4.08 27.93 23.78
CA LYS A 112 -2.63 27.95 23.58
C LYS A 112 -2.07 26.80 24.39
N ILE A 113 -2.25 25.58 23.91
CA ILE A 113 -1.79 24.39 24.61
C ILE A 113 -0.56 23.86 23.88
N SER A 114 0.26 23.12 24.62
CA SER A 114 1.53 22.66 24.10
C SER A 114 1.68 21.14 24.20
N ILE A 115 2.38 20.58 23.22
CA ILE A 115 2.71 19.17 23.15
C ILE A 115 4.23 19.04 23.18
N GLU A 116 4.73 18.24 24.10
CA GLU A 116 6.17 18.15 24.31
C GLU A 116 6.64 16.71 24.34
N LEU A 117 7.80 16.46 23.75
CA LEU A 117 8.44 15.16 23.91
C LEU A 117 8.82 14.93 25.37
N THR A 118 8.50 13.77 25.90
CA THR A 118 9.14 13.44 27.17
C THR A 118 10.61 13.16 26.91
N THR A 119 11.38 13.02 28.00
CA THR A 119 12.77 12.63 27.83
C THR A 119 12.90 11.18 27.38
N GLU A 120 12.03 10.30 27.88
CA GLU A 120 11.99 8.94 27.36
C GLU A 120 11.68 8.94 25.87
N GLY A 121 10.72 9.77 25.47
CA GLY A 121 10.37 9.85 24.07
C GLY A 121 11.50 10.34 23.20
N LYS A 122 12.20 11.39 23.66
CA LYS A 122 13.34 11.86 22.90
C LYS A 122 14.42 10.79 22.86
N ALA A 123 14.69 10.15 24.00
CA ALA A 123 15.65 9.06 24.03
C ALA A 123 15.22 7.93 23.10
N ARG A 124 13.97 7.49 23.22
CA ARG A 124 13.50 6.44 22.32
C ARG A 124 13.63 6.87 20.87
N LEU A 125 13.39 8.16 20.60
CA LEU A 125 13.53 8.66 19.24
C LEU A 125 14.98 8.71 18.80
N GLU A 126 15.88 9.18 19.66
CA GLU A 126 17.27 9.28 19.24
C GLU A 126 17.95 7.91 19.09
N GLN A 127 17.45 6.88 19.75
CA GLN A 127 18.01 5.55 19.58
C GLN A 127 17.45 4.84 18.35
N PHE A 128 16.27 5.25 17.90
CA PHE A 128 15.60 4.60 16.79
C PHE A 128 15.95 5.22 15.46
N LEU A 129 16.03 6.56 15.40
CA LEU A 129 16.19 7.23 14.12
C LEU A 129 17.41 6.79 13.29
N PRO A 130 18.61 6.58 13.87
CA PRO A 130 19.73 6.19 12.98
C PRO A 130 19.51 4.89 12.23
N GLY A 131 19.05 3.84 12.90
CA GLY A 131 18.74 2.60 12.21
C GLY A 131 17.59 2.75 11.23
N HIS A 132 16.59 3.58 11.59
CA HIS A 132 15.47 3.79 10.70
C HIS A 132 15.90 4.48 9.41
N PHE A 133 16.87 5.40 9.51
CA PHE A 133 17.33 6.06 8.30
C PHE A 133 18.26 5.20 7.45
N SER A 134 19.07 4.32 8.04
CA SER A 134 19.93 3.48 7.20
C SER A 134 19.11 2.52 6.36
N LYS A 135 18.05 1.96 6.94
CA LYS A 135 17.19 1.04 6.19
C LYS A 135 16.55 1.73 4.99
N ILE A 136 16.09 2.97 5.15
CA ILE A 136 15.51 3.69 4.02
C ILE A 136 16.55 3.96 2.94
N SER A 137 17.72 4.46 3.33
CA SER A 137 18.79 4.66 2.35
C SER A 137 19.10 3.37 1.61
N ALA A 138 19.20 2.26 2.33
CA ALA A 138 19.49 0.98 1.69
C ALA A 138 18.43 0.66 0.64
N VAL A 139 17.17 1.02 0.89
CA VAL A 139 16.11 0.69 -0.04
C VAL A 139 16.25 1.46 -1.35
N GLU A 141 19.19 2.26 -3.30
CA GLU A 141 20.64 2.16 -3.33
C GLU A 141 21.25 3.06 -4.39
N ASN A 142 20.97 2.79 -5.66
CA ASN A 142 21.70 3.40 -6.76
C ASN A 142 20.77 4.13 -7.70
N TYR A 143 19.84 4.89 -7.17
CA TYR A 143 18.95 5.67 -8.00
C TYR A 143 19.42 7.11 -8.06
N SER A 144 19.55 7.64 -9.27
CA SER A 144 20.05 8.99 -9.45
C SER A 144 18.95 10.00 -9.20
N ASP A 145 19.35 11.27 -9.18
CA ASP A 145 18.40 12.33 -8.90
C ASP A 145 17.27 12.36 -9.92
N GLU A 146 17.62 12.29 -11.21
CA GLU A 146 16.58 12.37 -12.24
C GLU A 146 15.69 11.14 -12.22
N GLU A 147 16.20 10.00 -11.77
CA GLU A 147 15.36 8.82 -11.67
C GLU A 147 14.33 8.98 -10.55
N LYS A 148 14.79 9.32 -9.36
CA LYS A 148 13.89 9.51 -8.22
C LYS A 148 12.89 10.63 -8.46
N ASP A 149 13.35 11.78 -8.99
CA ASP A 149 12.44 12.89 -9.22
C ASP A 149 11.35 12.55 -10.23
N PHE A 151 10.30 9.36 -10.44
CA PHE A 151 9.55 8.38 -9.67
C PHE A 151 8.58 9.08 -8.71
N VAL A 152 9.07 10.09 -7.99
CA VAL A 152 8.17 10.85 -7.12
C VAL A 152 7.15 11.59 -7.97
N LYS A 153 7.54 12.07 -9.15
CA LYS A 153 6.58 12.78 -10.00
C LYS A 153 5.42 11.86 -10.35
N LEU A 155 4.42 9.20 -8.84
CA LEU A 155 3.65 8.89 -7.64
C LEU A 155 2.64 9.98 -7.32
N GLY A 156 2.95 11.23 -7.68
CA GLY A 156 1.98 12.30 -7.47
C GLY A 156 0.71 12.12 -8.28
N ASP A 157 0.84 11.83 -9.57
CA ASP A 157 -0.35 11.70 -10.40
C ASP A 157 -1.17 10.48 -9.99
N LEU A 158 -0.52 9.34 -9.74
CA LEU A 158 -1.26 8.16 -9.29
C LEU A 158 -1.97 8.41 -7.98
N PHE A 159 -1.34 9.18 -7.08
CA PHE A 159 -1.97 9.44 -5.81
C PHE A 159 -3.33 10.09 -5.98
N GLU A 160 -3.43 11.10 -6.85
CA GLU A 160 -4.71 11.78 -7.00
C GLU A 160 -5.70 10.92 -7.77
N ARG A 161 -5.24 10.17 -8.76
CA ARG A 161 -6.16 9.48 -9.65
C ARG A 161 -6.78 8.26 -8.99
N LEU A 162 -6.18 7.75 -7.91
CA LEU A 162 -6.77 6.66 -7.15
C LEU A 162 -8.14 7.03 -6.60
N SER A 163 -8.43 8.32 -6.49
CA SER A 163 -9.73 8.77 -6.03
C SER A 163 -10.85 8.20 -6.89
N VAL A 164 -10.58 7.95 -8.17
CA VAL A 164 -11.60 7.41 -9.06
C VAL A 164 -12.04 6.01 -8.65
N PHE A 165 -11.31 5.32 -7.77
CA PHE A 165 -11.86 4.06 -7.30
C PHE A 165 -12.92 4.25 -6.21
N LYS A 166 -13.45 5.45 -6.06
CA LYS A 166 -14.68 5.64 -5.28
C LYS A 166 -15.84 5.16 -6.14
N ASP A 167 -16.29 3.91 -5.91
CA ASP A 167 -17.40 3.35 -6.69
C ASP A 167 -18.73 4.01 -6.34
N GLU B 2 -9.43 9.15 1.41
CA GLU B 2 -8.24 9.49 2.19
C GLU B 2 -7.77 10.91 1.89
N LEU B 3 -6.60 11.05 1.30
CA LEU B 3 -6.08 12.35 0.92
C LEU B 3 -6.31 12.63 -0.57
N LYS B 4 -6.23 13.91 -0.92
CA LYS B 4 -6.47 14.40 -2.28
C LYS B 4 -5.22 14.49 -3.13
N HIS B 5 -4.14 15.03 -2.57
CA HIS B 5 -2.89 15.25 -3.29
C HIS B 5 -1.75 14.70 -2.45
N LEU B 6 -0.68 14.27 -3.14
CA LEU B 6 0.43 13.62 -2.47
C LEU B 6 1.17 14.60 -1.56
N PRO B 7 1.34 14.25 -0.28
CA PRO B 7 2.04 15.16 0.66
C PRO B 7 3.55 15.07 0.57
N LYS B 8 4.20 16.23 0.53
CA LYS B 8 5.63 16.33 0.67
C LYS B 8 5.95 16.45 2.15
N TYR B 9 7.05 15.86 2.57
CA TYR B 9 7.41 15.85 3.98
C TYR B 9 8.67 16.70 4.17
N LYS B 10 8.50 18.01 3.96
CA LYS B 10 9.62 18.94 3.98
C LYS B 10 10.35 18.91 5.33
N HIS B 11 9.62 18.71 6.42
CA HIS B 11 10.25 18.71 7.74
C HIS B 11 11.17 17.51 7.90
N ILE B 12 10.64 16.31 7.67
CA ILE B 12 11.40 15.07 7.84
C ILE B 12 12.58 15.05 6.88
N THR B 13 12.42 15.62 5.68
CA THR B 13 13.47 15.56 4.67
C THR B 13 14.72 16.32 5.12
N GLU B 14 14.55 17.58 5.52
CA GLU B 14 15.69 18.40 5.93
C GLU B 14 16.35 17.90 7.22
N HIS B 15 15.62 17.16 8.05
CA HIS B 15 16.18 16.62 9.29
C HIS B 15 17.08 15.41 9.05
N ALA B 16 16.71 14.53 8.11
CA ALA B 16 17.51 13.34 7.88
C ALA B 16 18.80 13.65 7.12
N GLU B 17 18.83 14.75 6.36
CA GLU B 17 20.05 15.14 5.68
C GLU B 17 21.22 15.32 6.64
N THR B 18 20.94 15.59 7.92
CA THR B 18 22.00 15.70 8.92
C THR B 18 22.61 14.35 9.25
N TYR B 19 21.83 13.27 9.16
CA TYR B 19 22.34 11.94 9.42
C TYR B 19 23.36 11.53 8.35
N ALA B 20 24.32 10.71 8.76
CA ALA B 20 25.53 10.45 7.97
C ALA B 20 25.23 9.97 6.56
N ASN B 21 24.76 8.73 6.41
CA ASN B 21 24.56 8.16 5.08
C ASN B 21 23.11 8.28 4.61
N ILE B 22 22.47 9.45 4.65
CA ILE B 22 21.07 9.54 4.25
C ILE B 22 20.85 10.80 3.43
N ASP B 23 20.35 10.64 2.21
CA ASP B 23 20.07 11.76 1.32
C ASP B 23 18.60 12.15 1.36
N ALA B 24 18.30 13.35 0.87
CA ALA B 24 16.95 13.89 0.93
C ALA B 24 15.98 13.13 0.03
N GLY B 25 16.28 13.08 -1.27
CA GLY B 25 15.34 12.52 -2.23
C GLY B 25 14.88 11.12 -1.86
N SER B 26 15.79 10.28 -1.39
CA SER B 26 15.44 8.92 -1.00
C SER B 26 14.34 8.91 0.04
N LEU B 27 14.38 9.86 0.97
CA LEU B 27 13.33 9.92 1.98
C LEU B 27 12.00 10.32 1.36
N GLU B 28 12.02 11.35 0.52
CA GLU B 28 10.76 11.78 -0.09
C GLU B 28 10.17 10.65 -0.90
N LEU B 29 11.02 9.91 -1.62
CA LEU B 29 10.53 8.80 -2.41
C LEU B 29 9.97 7.70 -1.53
N PHE B 30 10.61 7.43 -0.41
CA PHE B 30 10.13 6.39 0.49
C PHE B 30 8.81 6.80 1.14
N LEU B 31 8.72 8.06 1.57
CA LEU B 31 7.49 8.51 2.22
C LEU B 31 6.32 8.60 1.23
N SER B 32 6.60 9.04 -0.01
CA SER B 32 5.54 9.02 -1.02
C SER B 32 5.05 7.59 -1.26
N LEU B 33 5.99 6.66 -1.35
CA LEU B 33 5.62 5.28 -1.58
C LEU B 33 4.80 4.75 -0.43
N PHE B 34 5.05 5.25 0.77
CA PHE B 34 4.26 4.81 1.90
C PHE B 34 2.90 5.49 1.92
N ASP B 35 2.83 6.74 1.48
CA ASP B 35 1.55 7.41 1.42
C ASP B 35 0.65 6.69 0.42
N ILE B 36 1.14 6.49 -0.81
CA ILE B 36 0.33 5.85 -1.83
C ILE B 36 -0.12 4.47 -1.37
N SER B 37 0.73 3.76 -0.62
CA SER B 37 0.37 2.44 -0.13
C SER B 37 -0.83 2.51 0.79
N LYS B 38 -0.86 3.47 1.71
CA LYS B 38 -1.98 3.54 2.63
C LYS B 38 -3.26 3.88 1.87
N LYS B 39 -3.20 4.83 0.93
CA LYS B 39 -4.39 5.17 0.14
C LYS B 39 -4.74 4.06 -0.84
N ASN B 41 -4.37 0.83 -0.47
CA ASN B 41 -5.06 -0.20 0.30
C ASN B 41 -6.38 0.33 0.82
N HIS B 42 -6.42 1.61 1.21
CA HIS B 42 -7.65 2.15 1.76
C HIS B 42 -8.74 2.22 0.69
N VAL B 43 -8.47 2.88 -0.42
CA VAL B 43 -9.46 3.01 -1.46
C VAL B 43 -9.91 1.64 -1.96
N GLU B 45 -9.97 -1.41 -0.50
CA GLU B 45 -10.80 -2.21 0.38
C GLU B 45 -12.27 -1.80 0.28
N HIS B 46 -12.54 -0.51 0.13
CA HIS B 46 -13.93 -0.05 0.06
C HIS B 46 -14.53 -0.26 -1.34
N TYR B 47 -13.73 -0.07 -2.39
CA TYR B 47 -14.18 -0.36 -3.75
C TYR B 47 -14.75 -1.78 -3.87
N PHE B 48 -13.95 -2.79 -3.51
CA PHE B 48 -14.45 -4.15 -3.58
C PHE B 48 -15.58 -4.38 -2.57
N ALA B 49 -15.58 -3.64 -1.45
CA ALA B 49 -16.71 -3.73 -0.53
C ALA B 49 -17.99 -3.26 -1.20
N GLY B 50 -17.91 -2.17 -1.97
CA GLY B 50 -19.05 -1.62 -2.68
C GLY B 50 -19.72 -2.64 -3.57
N ARG B 51 -19.02 -3.75 -3.80
CA ARG B 51 -19.54 -4.83 -4.64
C ARG B 51 -19.73 -6.11 -3.84
N GLY B 52 -19.71 -6.04 -2.51
CA GLY B 52 -19.90 -7.22 -1.69
C GLY B 52 -18.76 -8.21 -1.73
N LEU B 53 -17.51 -7.74 -1.91
CA LEU B 53 -16.38 -8.63 -2.14
C LEU B 53 -15.16 -8.29 -1.28
N SER B 54 -14.06 -8.98 -1.54
CA SER B 54 -12.79 -8.71 -0.86
C SER B 54 -11.66 -8.78 -1.87
N GLU B 55 -10.46 -8.39 -1.42
CA GLU B 55 -9.29 -8.54 -2.28
C GLU B 55 -9.13 -9.99 -2.69
N GLY B 56 -9.27 -10.91 -1.73
CA GLY B 56 -9.06 -12.31 -2.01
C GLY B 56 -10.14 -12.88 -2.91
N LYS B 57 -11.41 -12.67 -2.54
CA LYS B 57 -12.50 -13.27 -3.31
C LYS B 57 -12.50 -12.78 -4.76
N PHE B 58 -12.17 -11.50 -5.00
CA PHE B 58 -12.11 -11.01 -6.37
C PHE B 58 -10.94 -11.60 -7.15
N LYS B 59 -9.79 -11.83 -6.48
CA LYS B 59 -8.64 -12.41 -7.18
C LYS B 59 -8.92 -13.86 -7.55
N ILE B 60 -9.70 -14.57 -6.72
CA ILE B 60 -10.15 -15.92 -7.05
C ILE B 60 -11.04 -15.87 -8.29
N LEU B 61 -12.06 -15.00 -8.25
CA LEU B 61 -12.98 -14.85 -9.36
C LEU B 61 -12.22 -14.53 -10.65
N LEU B 63 -9.07 -15.39 -11.25
CA LEU B 63 -8.34 -16.58 -11.66
C LEU B 63 -9.23 -17.50 -12.49
N LEU B 64 -10.46 -17.74 -12.03
CA LEU B 64 -11.39 -18.61 -12.76
C LEU B 64 -11.77 -18.01 -14.10
N PHE B 65 -12.11 -16.72 -14.12
CA PHE B 65 -12.47 -16.07 -15.38
C PHE B 65 -11.39 -16.22 -16.42
N ASP B 66 -10.14 -16.45 -15.99
CA ASP B 66 -9.01 -16.56 -16.89
C ASP B 66 -8.67 -18.01 -17.22
N ALA B 67 -9.12 -18.95 -16.41
CA ALA B 67 -8.78 -20.35 -16.64
C ALA B 67 -9.58 -20.90 -17.83
N LYS B 68 -8.96 -21.86 -18.52
CA LYS B 68 -9.69 -22.61 -19.53
C LYS B 68 -10.86 -23.33 -18.87
N ASP B 69 -12.04 -23.21 -19.49
CA ASP B 69 -13.28 -23.78 -18.97
C ASP B 69 -13.67 -23.20 -17.61
N HIS B 70 -13.02 -22.10 -17.18
CA HIS B 70 -13.29 -21.47 -15.89
C HIS B 70 -13.19 -22.45 -14.73
N ARG B 71 -12.19 -23.34 -14.81
CA ARG B 71 -12.00 -24.38 -13.80
C ARG B 71 -10.56 -24.42 -13.34
N LEU B 72 -10.37 -24.48 -12.02
CA LEU B 72 -9.06 -24.59 -11.40
C LEU B 72 -9.23 -25.37 -10.10
N SER B 73 -8.22 -26.18 -9.74
CA SER B 73 -8.25 -26.86 -8.45
C SER B 73 -8.05 -25.83 -7.33
N PRO B 74 -8.52 -26.12 -6.11
CA PRO B 74 -8.32 -25.16 -5.01
C PRO B 74 -6.85 -24.92 -4.69
N THR B 75 -6.05 -25.99 -4.69
CA THR B 75 -4.62 -25.82 -4.46
C THR B 75 -3.99 -24.97 -5.54
N GLU B 76 -4.45 -25.13 -6.78
CA GLU B 76 -3.94 -24.31 -7.86
C GLU B 76 -4.35 -22.84 -7.66
N LEU B 77 -5.55 -22.61 -7.12
CA LEU B 77 -5.97 -21.24 -6.83
C LEU B 77 -5.14 -20.66 -5.69
N ALA B 78 -4.76 -21.50 -4.72
CA ALA B 78 -3.91 -21.02 -3.64
C ALA B 78 -2.56 -20.56 -4.20
N LYS B 79 -1.93 -21.41 -5.02
CA LYS B 79 -0.65 -21.07 -5.64
C LYS B 79 -0.77 -19.81 -6.48
N ARG B 80 -1.84 -19.70 -7.27
CA ARG B 80 -1.94 -18.61 -8.22
C ARG B 80 -2.27 -17.29 -7.55
N SER B 81 -2.82 -17.33 -6.34
CA SER B 81 -2.92 -16.13 -5.55
C SER B 81 -1.78 -16.20 -4.55
N ASN B 82 -1.80 -15.34 -3.54
CA ASN B 82 -0.68 -15.25 -2.61
C ASN B 82 -1.01 -15.83 -1.24
N VAL B 83 -1.92 -16.82 -1.18
CA VAL B 83 -2.42 -17.34 0.09
C VAL B 83 -2.32 -18.86 0.15
N THR B 84 -2.37 -19.35 1.39
CA THR B 84 -2.28 -20.76 1.70
C THR B 84 -3.61 -21.45 1.40
N LYS B 85 -3.55 -22.79 1.32
CA LYS B 85 -4.73 -23.60 1.03
C LYS B 85 -5.80 -23.44 2.11
N ALA B 86 -5.39 -23.38 3.38
CA ALA B 86 -6.38 -23.18 4.44
C ALA B 86 -7.13 -21.87 4.25
N THR B 87 -6.47 -20.87 3.69
CA THR B 87 -7.12 -19.58 3.49
C THR B 87 -8.11 -19.64 2.34
N ILE B 88 -7.69 -20.11 1.17
CA ILE B 88 -8.60 -20.14 0.05
C ILE B 88 -9.78 -21.06 0.33
N THR B 89 -9.58 -22.04 1.20
CA THR B 89 -10.71 -22.89 1.59
C THR B 89 -11.82 -22.06 2.22
N GLY B 90 -11.47 -21.08 3.03
CA GLY B 90 -12.51 -20.26 3.64
C GLY B 90 -13.18 -19.38 2.62
N LEU B 91 -12.39 -18.76 1.75
CA LEU B 91 -12.95 -17.94 0.69
C LEU B 91 -13.84 -18.77 -0.22
N LEU B 92 -13.31 -19.87 -0.73
CA LEU B 92 -14.10 -20.77 -1.58
C LEU B 92 -15.41 -21.11 -0.92
N ASP B 93 -15.39 -21.35 0.39
CA ASP B 93 -16.63 -21.64 1.11
C ASP B 93 -17.63 -20.51 0.92
N GLY B 94 -17.19 -19.27 1.17
CA GLY B 94 -18.07 -18.14 1.00
C GLY B 94 -18.54 -17.98 -0.42
N LEU B 95 -17.60 -17.97 -1.38
CA LEU B 95 -18.00 -17.81 -2.77
C LEU B 95 -19.02 -18.87 -3.18
N ALA B 96 -18.82 -20.11 -2.74
CA ALA B 96 -19.82 -21.14 -3.00
C ALA B 96 -21.17 -20.75 -2.42
N ARG B 97 -21.19 -20.37 -1.13
CA ARG B 97 -22.45 -20.01 -0.48
C ARG B 97 -23.12 -18.84 -1.19
N ASP B 98 -22.33 -17.80 -1.51
CA ASP B 98 -22.83 -16.65 -2.25
C ASP B 98 -23.34 -17.01 -3.63
N GLY B 99 -23.00 -18.20 -4.14
CA GLY B 99 -23.42 -18.63 -5.45
C GLY B 99 -22.54 -18.18 -6.59
N PHE B 100 -21.37 -17.61 -6.31
CA PHE B 100 -20.52 -17.16 -7.41
C PHE B 100 -19.75 -18.32 -8.02
N VAL B 101 -19.50 -19.36 -7.23
CA VAL B 101 -18.59 -20.42 -7.61
C VAL B 101 -19.17 -21.76 -7.19
N SER B 102 -18.76 -22.82 -7.87
CA SER B 102 -19.28 -24.14 -7.56
C SER B 102 -18.14 -25.15 -7.47
N ARG B 103 -18.23 -26.01 -6.47
CA ARG B 103 -17.22 -27.02 -6.18
C ARG B 103 -17.67 -28.33 -6.82
N ARG B 104 -16.89 -28.82 -7.77
CA ARG B 104 -17.25 -30.03 -8.50
C ARG B 104 -16.09 -31.02 -8.49
N HIS B 105 -16.44 -32.30 -8.51
CA HIS B 105 -15.50 -33.40 -8.65
C HIS B 105 -15.35 -33.75 -10.14
N HIS B 106 -14.35 -34.59 -10.43
CA HIS B 106 -14.29 -35.35 -11.68
C HIS B 106 -13.08 -36.28 -11.65
N ARG B 111 -12.56 -38.07 -6.36
CA ARG B 111 -11.11 -37.94 -6.34
C ARG B 111 -10.71 -36.48 -6.09
N LYS B 112 -9.97 -35.88 -7.01
CA LYS B 112 -9.61 -34.46 -6.90
C LYS B 112 -10.77 -33.56 -7.31
N ILE B 113 -10.83 -32.38 -6.70
CA ILE B 113 -11.93 -31.44 -6.90
C ILE B 113 -11.49 -30.24 -7.74
N SER B 114 -12.46 -29.66 -8.44
CA SER B 114 -12.23 -28.50 -9.28
C SER B 114 -13.24 -27.43 -8.89
N ILE B 115 -12.85 -26.16 -9.08
CA ILE B 115 -13.69 -25.01 -8.76
C ILE B 115 -14.06 -24.30 -10.05
N GLU B 116 -15.35 -24.09 -10.28
CA GLU B 116 -15.81 -23.51 -11.53
C GLU B 116 -16.72 -22.31 -11.27
N LEU B 117 -16.56 -21.28 -12.10
CA LEU B 117 -17.43 -20.11 -12.06
C LEU B 117 -18.86 -20.50 -12.43
N THR B 118 -19.83 -20.03 -11.65
CA THR B 118 -21.23 -20.19 -12.05
C THR B 118 -21.54 -19.32 -13.26
N THR B 119 -22.74 -19.51 -13.80
CA THR B 119 -23.21 -18.64 -14.87
C THR B 119 -23.61 -17.26 -14.34
N GLU B 120 -24.25 -17.18 -13.17
CA GLU B 120 -24.45 -15.88 -12.53
C GLU B 120 -23.12 -15.24 -12.15
N GLY B 121 -22.18 -16.03 -11.62
CA GLY B 121 -20.88 -15.49 -11.24
C GLY B 121 -20.15 -14.92 -12.44
N LYS B 122 -20.14 -15.66 -13.54
CA LYS B 122 -19.55 -15.14 -14.79
C LYS B 122 -20.31 -13.93 -15.29
N ALA B 123 -21.64 -13.98 -15.23
CA ALA B 123 -22.44 -12.84 -15.66
C ALA B 123 -22.14 -11.60 -14.82
N ARG B 124 -22.23 -11.73 -13.50
CA ARG B 124 -21.95 -10.60 -12.61
C ARG B 124 -20.54 -10.08 -12.82
N LEU B 125 -19.60 -10.96 -13.16
CA LEU B 125 -18.26 -10.53 -13.44
C LEU B 125 -18.20 -9.71 -14.74
N GLU B 126 -18.91 -10.15 -15.77
CA GLU B 126 -18.89 -9.40 -17.03
C GLU B 126 -19.59 -8.05 -16.91
N GLN B 127 -20.46 -7.85 -15.92
CA GLN B 127 -21.07 -6.54 -15.72
C GLN B 127 -20.15 -5.59 -14.98
N PHE B 128 -19.19 -6.12 -14.21
CA PHE B 128 -18.29 -5.32 -13.39
C PHE B 128 -16.98 -4.98 -14.08
N LEU B 129 -16.40 -5.93 -14.82
CA LEU B 129 -15.06 -5.77 -15.36
C LEU B 129 -14.86 -4.53 -16.26
N PRO B 130 -15.83 -4.13 -17.10
CA PRO B 130 -15.56 -2.95 -17.95
C PRO B 130 -15.24 -1.68 -17.16
N GLY B 131 -16.03 -1.37 -16.14
CA GLY B 131 -15.73 -0.21 -15.32
C GLY B 131 -14.43 -0.37 -14.57
N HIS B 132 -14.11 -1.59 -14.16
CA HIS B 132 -12.87 -1.80 -13.43
C HIS B 132 -11.66 -1.52 -14.31
N PHE B 133 -11.72 -1.91 -15.58
CA PHE B 133 -10.60 -1.69 -16.48
C PHE B 133 -10.52 -0.23 -16.93
N SER B 134 -11.66 0.44 -17.05
CA SER B 134 -11.62 1.84 -17.43
C SER B 134 -10.99 2.70 -16.35
N LYS B 135 -11.31 2.42 -15.07
CA LYS B 135 -10.68 3.14 -13.98
C LYS B 135 -9.17 2.93 -13.96
N ILE B 136 -8.71 1.71 -14.17
CA ILE B 136 -7.28 1.46 -14.19
C ILE B 136 -6.64 2.21 -15.36
N SER B 137 -7.26 2.13 -16.53
CA SER B 137 -6.79 2.90 -17.67
C SER B 137 -6.68 4.38 -17.32
N ALA B 138 -7.68 4.90 -16.59
CA ALA B 138 -7.63 6.31 -16.19
C ALA B 138 -6.40 6.61 -15.33
N VAL B 139 -5.98 5.67 -14.49
CA VAL B 139 -4.86 5.95 -13.60
C VAL B 139 -3.54 6.04 -14.37
N GLU B 141 -3.06 6.90 -17.40
CA GLU B 141 -3.17 7.78 -18.56
C GLU B 141 -1.99 8.75 -18.63
N ASN B 142 -1.65 9.16 -19.86
CA ASN B 142 -0.52 10.04 -20.15
C ASN B 142 0.81 9.51 -19.60
N TYR B 143 1.01 8.19 -19.59
CA TYR B 143 2.31 7.60 -19.28
C TYR B 143 2.84 6.87 -20.49
N SER B 144 4.10 7.11 -20.85
CA SER B 144 4.62 6.48 -22.03
C SER B 144 4.95 5.02 -21.74
N ASP B 145 5.19 4.26 -22.81
CA ASP B 145 5.42 2.83 -22.68
C ASP B 145 6.70 2.56 -21.90
N GLU B 146 7.80 3.22 -22.27
CA GLU B 146 9.08 2.98 -21.60
C GLU B 146 9.03 3.45 -20.16
N GLU B 147 8.16 4.42 -19.88
CA GLU B 147 7.98 4.93 -18.54
C GLU B 147 7.35 3.88 -17.63
N LYS B 148 6.25 3.27 -18.08
CA LYS B 148 5.60 2.25 -17.27
C LYS B 148 6.58 1.15 -16.90
N ASP B 149 7.37 0.69 -17.88
CA ASP B 149 8.34 -0.36 -17.62
C ASP B 149 9.38 0.08 -16.59
N PHE B 151 9.02 2.20 -14.27
CA PHE B 151 8.38 2.27 -12.96
C PHE B 151 8.28 0.90 -12.31
N VAL B 152 7.79 -0.10 -13.06
CA VAL B 152 7.68 -1.45 -12.52
C VAL B 152 9.06 -2.05 -12.24
N LYS B 153 10.06 -1.73 -13.06
CA LYS B 153 11.40 -2.22 -12.79
C LYS B 153 11.90 -1.71 -11.44
N LEU B 155 9.74 -0.63 -8.86
CA LEU B 155 8.93 -1.40 -7.92
C LEU B 155 9.48 -2.80 -7.70
N GLY B 156 10.13 -3.38 -8.70
CA GLY B 156 10.72 -4.69 -8.52
C GLY B 156 11.82 -4.68 -7.47
N ASP B 157 12.71 -3.70 -7.55
CA ASP B 157 13.81 -3.60 -6.60
C ASP B 157 13.30 -3.22 -5.21
N LEU B 158 12.38 -2.26 -5.14
CA LEU B 158 11.88 -1.81 -3.86
C LEU B 158 11.22 -2.94 -3.09
N PHE B 159 10.46 -3.78 -3.78
CA PHE B 159 9.74 -4.85 -3.12
C PHE B 159 10.70 -5.77 -2.36
N GLU B 160 11.81 -6.14 -2.99
CA GLU B 160 12.71 -7.10 -2.38
C GLU B 160 13.52 -6.46 -1.27
N ARG B 161 13.91 -5.20 -1.43
CA ARG B 161 14.77 -4.56 -0.44
C ARG B 161 13.98 -4.23 0.81
N LEU B 162 12.66 -4.17 0.68
CA LEU B 162 11.77 -3.92 1.80
C LEU B 162 11.89 -4.98 2.87
N SER B 163 12.37 -6.18 2.49
CA SER B 163 12.59 -7.21 3.50
C SER B 163 13.61 -6.73 4.53
N VAL B 164 14.63 -5.98 4.09
CA VAL B 164 15.61 -5.48 5.04
C VAL B 164 14.95 -4.49 5.98
N PHE B 165 13.78 -3.98 5.60
CA PHE B 165 12.92 -3.23 6.49
C PHE B 165 12.09 -4.09 7.40
N LYS B 166 12.53 -5.31 7.70
CA LYS B 166 11.74 -6.18 8.57
C LYS B 166 11.57 -5.60 9.96
#